data_5X8C
#
_entry.id   5X8C
#
_cell.length_a   47.100
_cell.length_b   47.530
_cell.length_c   152.280
_cell.angle_alpha   90.00
_cell.angle_beta   90.00
_cell.angle_gamma   90.00
#
_symmetry.space_group_name_H-M   'P 21 21 21'
#
loop_
_entity.id
_entity.type
_entity.pdbx_description
1 polymer 'Thymidylate kinase'
2 non-polymer "THYMIDINE-5'-PHOSPHATE"
3 non-polymer 'MAGNESIUM ION'
4 non-polymer 'CHLORIDE ION'
5 non-polymer 'PHOSPHOMETHYLPHOSPHONIC ACID ADENYLATE ESTER'
6 water water
#
_entity_poly.entity_id   1
_entity_poly.type   'polypeptide(L)'
_entity_poly.pdbx_seq_one_letter_code
;MPGLFLTLEGLDGSGKTTQARRLAAFLEAQGRPVLLTREPGGGLPEVRSLLLTQELSPEAEYLLFSADRAEHVRKVILPG
LAAGKVVISDRYLDSSLAYQGYGRGLPLPWLREVAREATRGLKPRLTFLLDLPPEAALRRVRRPDRLEGLGLEFFRRVRE
GYLALARAEPGRFVVLDATLPEEEIARAIQAHLRPLLP
;
_entity_poly.pdbx_strand_id   A,B
#
# COMPACT_ATOMS: atom_id res chain seq x y z
N PRO A 2 18.37 14.14 -16.52
CA PRO A 2 18.39 15.60 -16.31
C PRO A 2 17.68 15.96 -15.00
N GLY A 3 17.70 17.23 -14.63
CA GLY A 3 17.04 17.68 -13.38
C GLY A 3 17.75 17.19 -12.14
N LEU A 4 17.34 17.68 -10.98
CA LEU A 4 18.01 17.38 -9.71
C LEU A 4 16.93 17.09 -8.65
N PHE A 5 17.05 15.97 -7.94
CA PHE A 5 16.05 15.53 -6.97
C PHE A 5 16.60 15.75 -5.58
N LEU A 6 15.95 16.62 -4.81
CA LEU A 6 16.39 16.94 -3.43
C LEU A 6 15.29 16.64 -2.44
N THR A 7 15.64 16.15 -1.26
CA THR A 7 14.64 16.03 -0.23
C THR A 7 15.03 16.64 1.09
N LEU A 8 14.00 16.96 1.87
CA LEU A 8 14.13 17.31 3.26
C LEU A 8 13.43 16.32 4.16
N GLU A 9 14.07 16.06 5.29
CA GLU A 9 13.65 15.08 6.25
C GLU A 9 13.85 15.60 7.67
N GLY A 10 13.17 14.93 8.59
CA GLY A 10 13.32 15.15 10.02
C GLY A 10 11.99 15.04 10.75
N LEU A 11 12.05 15.09 12.07
CA LEU A 11 10.86 15.01 12.88
C LEU A 11 9.85 16.10 12.60
N ASP A 12 8.60 15.79 12.92
CA ASP A 12 7.55 16.77 13.16
C ASP A 12 8.15 17.92 13.97
N GLY A 13 8.06 19.11 13.43
CA GLY A 13 8.49 20.34 14.08
C GLY A 13 9.95 20.70 13.83
N SER A 14 10.67 19.95 13.00
CA SER A 14 12.13 20.20 12.80
C SER A 14 12.54 21.35 11.85
N GLY A 15 11.57 21.98 11.16
CA GLY A 15 11.84 23.09 10.22
C GLY A 15 11.94 22.69 8.74
N LYS A 16 11.53 21.48 8.40
CA LYS A 16 11.83 21.03 7.04
C LYS A 16 10.91 21.71 6.03
N THR A 17 9.67 22.04 6.40
CA THR A 17 8.80 22.79 5.50
C THR A 17 9.38 24.19 5.30
N THR A 18 9.79 24.82 6.41
CA THR A 18 10.42 26.13 6.35
C THR A 18 11.59 26.14 5.37
N GLN A 19 12.53 25.21 5.55
CA GLN A 19 13.74 25.16 4.69
C GLN A 19 13.47 24.74 3.25
N ALA A 20 12.45 23.88 3.04
CA ALA A 20 12.07 23.42 1.70
C ALA A 20 11.57 24.60 0.88
N ARG A 21 10.75 25.42 1.54
CA ARG A 21 10.16 26.57 0.89
C ARG A 21 11.17 27.68 0.64
N ARG A 22 12.04 27.92 1.61
CA ARG A 22 13.16 28.83 1.41
C ARG A 22 14.05 28.44 0.26
N LEU A 23 14.35 27.13 0.17
CA LEU A 23 15.26 26.65 -0.85
C LEU A 23 14.63 26.83 -2.24
N ALA A 24 13.36 26.47 -2.34
CA ALA A 24 12.60 26.61 -3.59
C ALA A 24 12.69 28.06 -4.06
N ALA A 25 12.38 28.99 -3.18
CA ALA A 25 12.42 30.41 -3.57
C ALA A 25 13.87 30.83 -3.93
N PHE A 26 14.85 30.36 -3.16
CA PHE A 26 16.24 30.68 -3.40
C PHE A 26 16.69 30.21 -4.78
N LEU A 27 16.34 28.97 -5.14
CA LEU A 27 16.73 28.45 -6.44
C LEU A 27 15.97 29.16 -7.57
N GLU A 28 14.70 29.48 -7.33
CA GLU A 28 13.89 30.19 -8.31
C GLU A 28 14.44 31.61 -8.53
N ALA A 29 14.92 32.27 -7.48
CA ALA A 29 15.60 33.56 -7.60
C ALA A 29 16.87 33.47 -8.45
N GLN A 30 17.53 32.31 -8.47
CA GLN A 30 18.67 32.11 -9.38
C GLN A 30 18.24 31.79 -10.83
N GLY A 31 16.96 31.91 -11.16
CA GLY A 31 16.47 31.58 -12.48
C GLY A 31 16.37 30.08 -12.74
N ARG A 32 16.38 29.25 -11.70
CA ARG A 32 16.24 27.82 -11.86
C ARG A 32 14.80 27.36 -11.78
N PRO A 33 14.37 26.52 -12.73
CA PRO A 33 13.05 25.91 -12.62
C PRO A 33 12.96 24.93 -11.44
N VAL A 34 11.96 25.12 -10.58
CA VAL A 34 11.81 24.35 -9.39
C VAL A 34 10.39 23.80 -9.31
N LEU A 35 10.26 22.54 -8.87
CA LEU A 35 8.98 21.94 -8.47
C LEU A 35 9.07 21.59 -6.97
N LEU A 36 8.20 22.22 -6.19
CA LEU A 36 8.15 22.04 -4.75
C LEU A 36 7.00 21.12 -4.48
N THR A 37 7.26 20.01 -3.79
CA THR A 37 6.21 19.06 -3.49
C THR A 37 6.42 18.49 -2.09
N ARG A 38 5.61 17.50 -1.71
CA ARG A 38 5.60 16.96 -0.36
C ARG A 38 4.90 15.63 -0.24
N GLU A 39 5.22 14.91 0.83
CA GLU A 39 4.52 13.67 1.20
C GLU A 39 4.17 13.72 2.69
N PRO A 40 3.01 13.19 3.09
CA PRO A 40 2.05 12.55 2.22
C PRO A 40 1.13 13.55 1.53
N GLY A 41 0.64 13.19 0.34
CA GLY A 41 -0.38 13.97 -0.36
C GLY A 41 -0.01 14.40 -1.75
N GLY A 42 1.29 14.42 -2.05
CA GLY A 42 1.78 14.78 -3.37
C GLY A 42 1.30 13.88 -4.49
N GLY A 43 1.03 12.60 -4.20
CA GLY A 43 0.57 11.66 -5.22
C GLY A 43 -0.94 11.53 -5.19
N LEU A 44 -1.46 11.30 -3.98
CA LEU A 44 -2.86 11.03 -3.73
C LEU A 44 -3.27 11.91 -2.56
N PRO A 45 -3.85 13.09 -2.83
CA PRO A 45 -4.14 14.03 -1.73
C PRO A 45 -5.07 13.44 -0.67
N GLU A 46 -5.98 12.54 -1.07
CA GLU A 46 -6.93 11.90 -0.17
C GLU A 46 -6.26 10.96 0.84
N VAL A 47 -4.99 10.62 0.65
CA VAL A 47 -4.32 9.69 1.57
C VAL A 47 -4.23 10.25 3.02
N ARG A 48 -4.24 11.56 3.15
CA ARG A 48 -4.18 12.19 4.47
C ARG A 48 -5.41 11.81 5.29
N SER A 49 -6.55 11.71 4.62
CA SER A 49 -7.77 11.23 5.23
C SER A 49 -7.60 9.79 5.68
N LEU A 50 -7.10 8.96 4.77
CA LEU A 50 -6.91 7.55 5.07
C LEU A 50 -5.95 7.33 6.22
N LEU A 51 -4.92 8.17 6.27
CA LEU A 51 -3.86 8.01 7.26
C LEU A 51 -4.36 8.27 8.68
N LEU A 52 -5.37 9.13 8.79
CA LEU A 52 -6.00 9.46 10.08
C LEU A 52 -6.84 8.36 10.71
N THR A 53 -7.16 7.31 9.95
CA THR A 53 -7.95 6.20 10.44
C THR A 53 -7.47 5.72 11.81
N GLN A 54 -8.44 5.57 12.71
CA GLN A 54 -8.13 5.17 14.07
C GLN A 54 -7.65 3.73 14.12
N GLU A 55 -6.61 3.52 14.93
CA GLU A 55 -6.04 2.21 15.22
C GLU A 55 -5.50 1.47 14.00
N LEU A 56 -4.99 2.21 13.03
CA LEU A 56 -4.43 1.65 11.81
C LEU A 56 -3.28 0.74 12.16
N SER A 57 -3.24 -0.47 11.62
CA SER A 57 -2.03 -1.28 11.75
C SER A 57 -0.85 -0.51 11.17
N PRO A 58 0.36 -0.68 11.73
CA PRO A 58 1.53 -0.05 11.09
C PRO A 58 1.74 -0.53 9.63
N GLU A 59 1.38 -1.78 9.32
CA GLU A 59 1.49 -2.29 7.93
C GLU A 59 0.59 -1.53 6.93
N ALA A 60 -0.70 -1.39 7.28
CA ALA A 60 -1.61 -0.56 6.48
C ALA A 60 -1.15 0.90 6.41
N GLU A 61 -0.62 1.38 7.51
CA GLU A 61 -0.14 2.74 7.55
C GLU A 61 0.95 2.93 6.51
N TYR A 62 1.93 2.03 6.51
CA TYR A 62 3.00 2.07 5.49
C TYR A 62 2.50 1.88 4.09
N LEU A 63 1.59 0.93 3.91
CA LEU A 63 1.01 0.72 2.58
C LEU A 63 0.29 1.95 2.02
N LEU A 64 -0.39 2.72 2.87
CA LEU A 64 -1.01 3.99 2.46
C LEU A 64 0.03 5.03 2.07
N PHE A 65 1.06 5.22 2.90
CA PHE A 65 2.20 6.08 2.50
C PHE A 65 2.78 5.68 1.14
N SER A 66 2.86 4.38 0.90
CA SER A 66 3.48 3.85 -0.30
C SER A 66 2.60 4.05 -1.53
N ALA A 67 1.28 3.94 -1.37
CA ALA A 67 0.36 4.21 -2.46
C ALA A 67 0.49 5.64 -2.93
N ASP A 68 0.55 6.57 -1.98
CA ASP A 68 0.78 7.98 -2.27
C ASP A 68 2.12 8.16 -2.98
N ARG A 69 3.15 7.50 -2.47
CA ARG A 69 4.51 7.65 -3.00
C ARG A 69 4.59 7.11 -4.41
N ALA A 70 3.91 5.99 -4.69
CA ALA A 70 3.92 5.43 -6.06
C ALA A 70 3.30 6.43 -7.06
N GLU A 71 2.16 6.98 -6.69
CA GLU A 71 1.49 7.96 -7.54
C GLU A 71 2.32 9.25 -7.70
N HIS A 72 2.93 9.67 -6.59
CA HIS A 72 3.76 10.89 -6.53
C HIS A 72 4.97 10.83 -7.45
N VAL A 73 5.67 9.70 -7.42
CA VAL A 73 6.85 9.49 -8.26
C VAL A 73 6.44 9.51 -9.76
N ARG A 74 5.42 8.71 -10.10
CA ARG A 74 4.96 8.53 -11.49
C ARG A 74 4.39 9.80 -12.07
N LYS A 75 3.55 10.49 -11.30
CA LYS A 75 2.80 11.61 -11.79
C LYS A 75 3.41 12.98 -11.59
N VAL A 76 4.27 13.17 -10.58
CA VAL A 76 4.78 14.50 -10.22
C VAL A 76 6.30 14.57 -10.31
N ILE A 77 7.01 13.67 -9.62
CA ILE A 77 8.46 13.79 -9.52
C ILE A 77 9.19 13.42 -10.83
N LEU A 78 8.97 12.21 -11.36
CA LEU A 78 9.64 11.80 -12.63
C LEU A 78 9.39 12.77 -13.80
N PRO A 79 8.16 13.20 -14.03
CA PRO A 79 7.96 14.23 -15.08
C PRO A 79 8.64 15.58 -14.82
N GLY A 80 8.77 15.98 -13.55
CA GLY A 80 9.47 17.24 -13.22
C GLY A 80 10.97 17.16 -13.52
N LEU A 81 11.58 16.07 -13.05
CA LEU A 81 12.95 15.80 -13.34
C LEU A 81 13.21 15.66 -14.84
N ALA A 82 12.28 15.05 -15.57
CA ALA A 82 12.47 14.84 -17.02
C ALA A 82 12.49 16.16 -17.78
N ALA A 83 11.80 17.17 -17.26
CA ALA A 83 11.81 18.53 -17.80
C ALA A 83 12.97 19.41 -17.31
N GLY A 84 13.95 18.83 -16.63
CA GLY A 84 15.08 19.60 -16.16
C GLY A 84 14.83 20.41 -14.90
N LYS A 85 13.75 20.15 -14.17
CA LYS A 85 13.50 20.90 -12.93
C LYS A 85 14.34 20.39 -11.76
N VAL A 86 14.63 21.27 -10.81
CA VAL A 86 15.07 20.84 -9.50
C VAL A 86 13.75 20.47 -8.81
N VAL A 87 13.56 19.21 -8.46
CA VAL A 87 12.39 18.82 -7.68
C VAL A 87 12.77 18.70 -6.22
N ILE A 88 12.06 19.43 -5.35
CA ILE A 88 12.30 19.37 -3.93
C ILE A 88 11.11 18.72 -3.27
N SER A 89 11.30 17.59 -2.61
CA SER A 89 10.23 17.00 -1.85
C SER A 89 10.45 17.15 -0.34
N ASP A 90 9.44 17.73 0.30
CA ASP A 90 9.31 17.87 1.76
C ASP A 90 8.80 16.51 2.22
N ARG A 91 9.74 15.64 2.60
CA ARG A 91 9.54 14.21 2.93
C ARG A 91 9.53 13.31 1.69
N TYR A 92 10.18 12.17 1.84
CA TYR A 92 10.16 11.09 0.84
C TYR A 92 10.30 9.75 1.58
N LEU A 93 10.89 8.75 0.94
CA LEU A 93 10.91 7.38 1.42
C LEU A 93 11.57 7.28 2.79
N ASP A 94 12.62 8.08 3.03
CA ASP A 94 13.30 8.01 4.34
C ASP A 94 12.35 8.25 5.52
N SER A 95 11.31 9.07 5.31
CA SER A 95 10.28 9.27 6.34
C SER A 95 9.63 7.95 6.73
N SER A 96 9.34 7.14 5.73
CA SER A 96 8.79 5.82 6.01
C SER A 96 9.79 4.95 6.75
N LEU A 97 11.04 4.97 6.33
CA LEU A 97 12.05 4.10 6.94
C LEU A 97 12.20 4.49 8.39
N ALA A 98 12.21 5.79 8.68
CA ALA A 98 12.36 6.26 10.04
C ALA A 98 11.08 6.03 10.86
N TYR A 99 9.92 6.42 10.30
CA TYR A 99 8.66 6.36 11.08
C TYR A 99 8.09 4.96 11.17
N GLN A 100 7.88 4.34 10.01
CA GLN A 100 7.31 2.99 9.97
C GLN A 100 8.33 1.90 10.31
N GLY A 101 9.58 2.13 9.97
CA GLY A 101 10.63 1.17 10.25
C GLY A 101 11.11 1.28 11.69
N TYR A 102 11.90 2.31 11.99
CA TYR A 102 12.42 2.47 13.35
C TYR A 102 11.35 2.83 14.40
N GLY A 103 10.39 3.67 14.03
CA GLY A 103 9.34 4.06 14.93
C GLY A 103 8.39 2.89 15.24
N ARG A 104 7.69 2.41 14.20
CA ARG A 104 6.65 1.37 14.38
C ARG A 104 7.23 -0.03 14.52
N GLY A 105 8.45 -0.24 14.06
CA GLY A 105 9.08 -1.54 14.17
C GLY A 105 8.91 -2.46 12.95
N LEU A 106 8.42 -1.94 11.81
CA LEU A 106 8.28 -2.80 10.61
C LEU A 106 9.65 -3.15 10.05
N PRO A 107 9.80 -4.39 9.51
CA PRO A 107 11.13 -4.81 9.03
C PRO A 107 11.62 -3.97 7.82
N LEU A 108 12.84 -3.43 7.91
CA LEU A 108 13.38 -2.53 6.90
C LEU A 108 13.42 -3.18 5.51
N PRO A 109 13.83 -4.45 5.43
CA PRO A 109 13.88 -5.07 4.09
C PRO A 109 12.50 -5.14 3.41
N TRP A 110 11.45 -5.45 4.16
CA TRP A 110 10.12 -5.43 3.54
C TRP A 110 9.77 -4.02 3.02
N LEU A 111 10.01 -3.02 3.87
CA LEU A 111 9.80 -1.63 3.51
C LEU A 111 10.50 -1.32 2.21
N ARG A 112 11.78 -1.68 2.11
CA ARG A 112 12.53 -1.45 0.89
C ARG A 112 12.00 -2.24 -0.30
N GLU A 113 11.59 -3.48 -0.10
CA GLU A 113 11.05 -4.25 -1.21
C GLU A 113 9.77 -3.62 -1.76
N VAL A 114 8.87 -3.21 -0.86
CA VAL A 114 7.68 -2.50 -1.28
C VAL A 114 8.09 -1.27 -2.08
N ALA A 115 9.08 -0.52 -1.55
CA ALA A 115 9.53 0.77 -2.12
C ALA A 115 10.06 0.64 -3.52
N ARG A 116 10.74 -0.47 -3.77
CA ARG A 116 11.46 -0.65 -5.00
C ARG A 116 10.58 -0.42 -6.24
N GLU A 117 9.38 -0.99 -6.29
CA GLU A 117 8.40 -0.66 -7.35
C GLU A 117 7.70 0.69 -7.20
N ALA A 118 7.33 0.98 -5.93
CA ALA A 118 6.66 2.24 -5.60
C ALA A 118 7.45 3.43 -6.17
N THR A 119 8.74 3.48 -5.84
CA THR A 119 9.63 4.56 -6.27
C THR A 119 10.31 4.31 -7.61
N ARG A 120 10.19 3.11 -8.19
CA ARG A 120 11.01 2.72 -9.36
C ARG A 120 12.50 2.98 -9.16
N GLY A 121 12.99 2.77 -7.94
CA GLY A 121 14.39 2.99 -7.61
C GLY A 121 14.87 4.43 -7.50
N LEU A 122 13.98 5.40 -7.57
CA LEU A 122 14.38 6.82 -7.57
C LEU A 122 14.83 7.26 -6.20
N LYS A 123 16.07 7.77 -6.13
CA LYS A 123 16.69 8.26 -4.89
C LYS A 123 17.06 9.73 -5.05
N PRO A 124 16.86 10.54 -4.00
CA PRO A 124 17.35 11.92 -4.10
C PRO A 124 18.87 11.95 -4.21
N ARG A 125 19.40 12.99 -4.86
CA ARG A 125 20.84 13.22 -4.93
C ARG A 125 21.40 13.62 -3.57
N LEU A 126 20.65 14.50 -2.88
CA LEU A 126 20.94 14.88 -1.50
C LEU A 126 19.67 14.91 -0.71
N THR A 127 19.82 14.63 0.59
CA THR A 127 18.75 14.70 1.55
C THR A 127 19.20 15.50 2.75
N PHE A 128 18.48 16.59 3.04
CA PHE A 128 18.82 17.44 4.16
C PHE A 128 18.00 17.00 5.36
N LEU A 129 18.67 16.37 6.32
CA LEU A 129 18.05 15.90 7.55
C LEU A 129 18.21 16.99 8.59
N LEU A 130 17.10 17.52 9.05
CA LEU A 130 17.11 18.48 10.12
C LEU A 130 16.96 17.70 11.41
N ASP A 131 18.09 17.50 12.08
CA ASP A 131 18.13 16.65 13.24
C ASP A 131 17.60 17.43 14.43
N LEU A 132 16.46 17.03 14.98
CA LEU A 132 15.82 17.74 16.12
C LEU A 132 15.75 16.82 17.32
N PRO A 133 16.04 17.32 18.54
CA PRO A 133 15.78 16.52 19.74
C PRO A 133 14.32 16.03 19.84
N PRO A 134 14.10 14.79 20.26
CA PRO A 134 12.77 14.22 20.19
C PRO A 134 11.70 14.93 21.03
N GLU A 135 12.08 15.42 22.22
CA GLU A 135 11.15 16.14 23.08
C GLU A 135 10.63 17.42 22.39
N ALA A 136 11.40 17.99 21.46
CA ALA A 136 10.94 19.15 20.70
C ALA A 136 9.87 18.82 19.63
N ALA A 137 9.76 17.55 19.21
CA ALA A 137 8.71 17.13 18.28
C ALA A 137 7.32 17.31 18.88
N LEU A 138 7.16 16.91 20.15
CA LEU A 138 5.97 17.22 20.95
C LEU A 138 6.01 18.68 21.44
N LEU A 147 -1.24 10.83 12.90
CA LEU A 147 -1.08 9.41 13.24
C LEU A 147 -1.22 9.28 14.73
N GLU A 148 -1.16 8.04 15.23
CA GLU A 148 -1.40 7.72 16.64
C GLU A 148 -0.18 7.08 17.28
N GLY A 149 -0.09 7.18 18.61
CA GLY A 149 1.08 6.71 19.37
C GLY A 149 2.37 7.54 19.20
N LEU A 150 2.24 8.78 18.73
CA LEU A 150 3.40 9.62 18.49
C LEU A 150 3.83 10.38 19.78
N GLY A 151 4.21 9.63 20.81
CA GLY A 151 4.72 10.18 22.04
C GLY A 151 6.24 10.10 22.03
N LEU A 152 6.83 10.26 23.22
CA LEU A 152 8.26 10.52 23.34
C LEU A 152 9.08 9.31 22.94
N GLU A 153 8.68 8.14 23.42
CA GLU A 153 9.44 6.92 23.15
C GLU A 153 9.49 6.72 21.61
N PHE A 154 8.35 6.93 20.94
CA PHE A 154 8.27 6.79 19.48
C PHE A 154 9.22 7.77 18.79
N PHE A 155 9.17 9.04 19.17
CA PHE A 155 10.04 10.05 18.56
C PHE A 155 11.52 9.83 18.81
N ARG A 156 11.87 9.29 19.97
CA ARG A 156 13.25 8.93 20.22
C ARG A 156 13.70 7.91 19.20
N ARG A 157 12.89 6.86 18.97
CA ARG A 157 13.23 5.82 17.96
C ARG A 157 13.40 6.38 16.54
N VAL A 158 12.51 7.28 16.17
CA VAL A 158 12.47 7.85 14.82
C VAL A 158 13.70 8.75 14.64
N ARG A 159 14.00 9.54 15.66
CA ARG A 159 15.13 10.45 15.58
C ARG A 159 16.42 9.70 15.41
N GLU A 160 16.62 8.68 16.25
CA GLU A 160 17.81 7.86 16.13
C GLU A 160 17.83 7.08 14.82
N GLY A 161 16.64 6.69 14.37
CA GLY A 161 16.44 6.00 13.09
C GLY A 161 16.96 6.79 11.94
N TYR A 162 16.53 8.05 11.86
CA TYR A 162 17.03 8.99 10.86
C TYR A 162 18.57 9.11 10.89
N LEU A 163 19.12 9.22 12.10
CA LEU A 163 20.58 9.29 12.24
C LEU A 163 21.29 8.04 11.74
N ALA A 164 20.66 6.86 11.89
CA ALA A 164 21.27 5.61 11.39
C ALA A 164 21.20 5.56 9.86
N LEU A 165 20.08 6.01 9.32
CA LEU A 165 19.94 6.11 7.89
C LEU A 165 20.98 7.05 7.32
N ALA A 166 21.22 8.16 8.01
CA ALA A 166 22.26 9.10 7.57
C ALA A 166 23.67 8.51 7.58
N ARG A 167 23.99 7.71 8.60
CA ARG A 167 25.30 7.06 8.68
C ARG A 167 25.47 5.97 7.60
N ALA A 168 24.36 5.34 7.23
CA ALA A 168 24.40 4.24 6.24
C ALA A 168 24.66 4.79 4.85
N GLU A 169 24.27 6.03 4.60
CA GLU A 169 24.34 6.66 3.29
C GLU A 169 24.92 8.08 3.44
N PRO A 170 26.21 8.17 3.80
CA PRO A 170 26.77 9.46 4.20
C PRO A 170 27.00 10.46 3.07
N GLY A 171 27.02 10.00 1.83
CA GLY A 171 27.15 10.90 0.70
C GLY A 171 25.82 11.59 0.39
N ARG A 172 24.71 10.86 0.52
CA ARG A 172 23.37 11.41 0.26
C ARG A 172 22.83 12.36 1.32
N PHE A 173 23.03 12.00 2.57
CA PHE A 173 22.44 12.72 3.70
C PHE A 173 23.37 13.86 4.12
N VAL A 174 22.80 15.03 4.34
CA VAL A 174 23.50 16.12 4.99
C VAL A 174 22.73 16.33 6.29
N VAL A 175 23.36 16.07 7.43
CA VAL A 175 22.70 16.24 8.73
C VAL A 175 22.96 17.63 9.28
N LEU A 176 21.90 18.33 9.65
CA LEU A 176 22.03 19.68 10.14
C LEU A 176 21.34 19.81 11.50
N ASP A 177 21.88 20.68 12.34
CA ASP A 177 21.28 20.94 13.68
C ASP A 177 20.03 21.79 13.51
N ALA A 178 18.89 21.14 13.71
CA ALA A 178 17.59 21.81 13.56
C ALA A 178 17.34 22.99 14.49
N THR A 179 18.12 23.10 15.58
CA THR A 179 17.94 24.16 16.58
C THR A 179 18.70 25.42 16.18
N LEU A 180 19.53 25.37 15.14
CA LEU A 180 20.20 26.58 14.65
C LEU A 180 19.17 27.55 14.05
N PRO A 181 19.49 28.86 14.04
CA PRO A 181 18.59 29.81 13.38
C PRO A 181 18.31 29.44 11.92
N GLU A 182 17.11 29.74 11.45
CA GLU A 182 16.62 29.40 10.10
C GLU A 182 17.59 29.82 9.00
N GLU A 183 18.16 31.03 9.11
CA GLU A 183 19.05 31.58 8.07
C GLU A 183 20.38 30.87 8.01
N GLU A 184 20.85 30.41 9.15
CA GLU A 184 22.07 29.62 9.23
C GLU A 184 21.90 28.28 8.59
N ILE A 185 20.77 27.63 8.82
CA ILE A 185 20.49 26.31 8.18
C ILE A 185 20.35 26.50 6.65
N ALA A 186 19.61 27.51 6.23
CA ALA A 186 19.43 27.78 4.82
C ALA A 186 20.78 28.00 4.17
N ARG A 187 21.65 28.80 4.81
CA ARG A 187 22.98 29.03 4.22
C ARG A 187 23.79 27.74 4.06
N ALA A 188 23.71 26.86 5.05
CA ALA A 188 24.38 25.54 5.00
C ALA A 188 23.83 24.67 3.86
N ILE A 189 22.51 24.65 3.70
CA ILE A 189 21.89 23.90 2.61
C ILE A 189 22.41 24.43 1.27
N GLN A 190 22.33 25.74 1.10
CA GLN A 190 22.83 26.39 -0.12
C GLN A 190 24.27 26.02 -0.45
N ALA A 191 25.14 26.01 0.57
CA ALA A 191 26.55 25.69 0.36
C ALA A 191 26.74 24.26 -0.14
N HIS A 192 26.00 23.31 0.42
CA HIS A 192 26.03 21.92 -0.10
C HIS A 192 25.55 21.83 -1.56
N LEU A 193 24.67 22.72 -1.98
CA LEU A 193 24.13 22.65 -3.33
C LEU A 193 24.97 23.35 -4.38
N ARG A 194 25.81 24.28 -3.97
CA ARG A 194 26.53 25.12 -4.92
C ARG A 194 27.30 24.32 -6.00
N PRO A 195 28.01 23.24 -5.61
CA PRO A 195 28.68 22.41 -6.62
C PRO A 195 27.77 21.65 -7.62
N LEU A 196 26.52 21.40 -7.27
CA LEU A 196 25.58 20.77 -8.20
C LEU A 196 24.81 21.81 -9.05
N LEU A 197 24.83 23.06 -8.64
CA LEU A 197 24.05 24.11 -9.30
C LEU A 197 24.95 25.34 -9.50
N PRO A 198 25.66 25.44 -10.64
CA PRO A 198 25.39 24.72 -11.87
C PRO A 198 25.97 23.30 -11.91
N PRO B 2 -10.88 -22.70 16.58
CA PRO B 2 -10.41 -23.31 15.32
C PRO B 2 -10.49 -22.34 14.11
N GLY B 3 -11.68 -22.20 13.51
CA GLY B 3 -11.89 -21.32 12.38
C GLY B 3 -11.59 -21.99 11.05
N LEU B 4 -12.32 -21.59 10.00
CA LEU B 4 -12.08 -22.05 8.63
C LEU B 4 -12.19 -20.84 7.71
N PHE B 5 -11.16 -20.63 6.89
CA PHE B 5 -11.12 -19.46 6.00
C PHE B 5 -11.34 -19.91 4.57
N LEU B 6 -12.36 -19.34 3.93
CA LEU B 6 -12.77 -19.72 2.58
C LEU B 6 -12.90 -18.45 1.79
N THR B 7 -12.52 -18.47 0.53
CA THR B 7 -12.74 -17.33 -0.31
C THR B 7 -13.47 -17.68 -1.59
N LEU B 8 -14.08 -16.65 -2.18
CA LEU B 8 -14.67 -16.70 -3.50
C LEU B 8 -14.02 -15.63 -4.37
N GLU B 9 -13.78 -16.00 -5.62
CA GLU B 9 -13.06 -15.21 -6.59
C GLU B 9 -13.71 -15.32 -7.99
N GLY B 10 -13.45 -14.32 -8.83
CA GLY B 10 -13.94 -14.30 -10.20
C GLY B 10 -14.18 -12.88 -10.65
N LEU B 11 -14.61 -12.74 -11.92
CA LEU B 11 -14.91 -11.45 -12.49
C LEU B 11 -16.15 -10.87 -11.79
N ASP B 12 -16.24 -9.55 -11.76
CA ASP B 12 -17.49 -8.89 -11.41
C ASP B 12 -18.64 -9.56 -12.18
N GLY B 13 -19.71 -9.88 -11.47
CA GLY B 13 -20.89 -10.47 -12.10
C GLY B 13 -20.78 -11.94 -12.41
N SER B 14 -19.84 -12.62 -11.73
CA SER B 14 -19.65 -14.06 -11.91
C SER B 14 -20.49 -14.87 -10.92
N GLY B 15 -21.21 -14.21 -10.02
CA GLY B 15 -22.03 -14.90 -9.00
C GLY B 15 -21.39 -15.05 -7.60
N LYS B 16 -20.26 -14.37 -7.34
CA LYS B 16 -19.58 -14.44 -6.02
C LYS B 16 -20.41 -14.09 -4.79
N THR B 17 -21.13 -12.98 -4.85
CA THR B 17 -21.91 -12.55 -3.70
C THR B 17 -23.09 -13.48 -3.49
N THR B 18 -23.69 -13.92 -4.59
CA THR B 18 -24.76 -14.89 -4.52
C THR B 18 -24.27 -16.16 -3.81
N GLN B 19 -23.16 -16.71 -4.29
CA GLN B 19 -22.66 -17.97 -3.74
C GLN B 19 -22.10 -17.80 -2.35
N ALA B 20 -21.54 -16.63 -2.06
CA ALA B 20 -21.12 -16.31 -0.70
C ALA B 20 -22.34 -16.36 0.21
N ARG B 21 -23.43 -15.75 -0.21
CA ARG B 21 -24.65 -15.70 0.58
C ARG B 21 -25.28 -17.07 0.73
N ARG B 22 -25.29 -17.85 -0.34
CA ARG B 22 -25.77 -19.23 -0.25
C ARG B 22 -24.90 -20.12 0.63
N LEU B 23 -23.57 -19.89 0.62
CA LEU B 23 -22.68 -20.74 1.44
C LEU B 23 -22.88 -20.44 2.91
N ALA B 24 -23.02 -19.17 3.24
CA ALA B 24 -23.27 -18.74 4.63
C ALA B 24 -24.56 -19.38 5.14
N ALA B 25 -25.60 -19.36 4.31
CA ALA B 25 -26.89 -19.96 4.65
C ALA B 25 -26.82 -21.47 4.88
N PHE B 26 -26.14 -22.19 4.00
CA PHE B 26 -25.88 -23.60 4.20
C PHE B 26 -25.23 -23.86 5.58
N LEU B 27 -24.24 -23.05 5.90
CA LEU B 27 -23.47 -23.24 7.13
C LEU B 27 -24.33 -22.91 8.37
N GLU B 28 -25.12 -21.85 8.29
CA GLU B 28 -26.09 -21.49 9.34
C GLU B 28 -27.09 -22.63 9.59
N ALA B 29 -27.60 -23.24 8.52
CA ALA B 29 -28.48 -24.41 8.63
C ALA B 29 -27.81 -25.60 9.32
N GLN B 30 -26.49 -25.72 9.19
CA GLN B 30 -25.73 -26.74 9.91
C GLN B 30 -25.38 -26.36 11.34
N GLY B 31 -25.77 -25.16 11.79
CA GLY B 31 -25.44 -24.69 13.12
C GLY B 31 -24.04 -24.14 13.25
N ARG B 32 -23.37 -23.85 12.13
CA ARG B 32 -21.97 -23.41 12.17
C ARG B 32 -21.89 -21.88 12.14
N PRO B 33 -21.26 -21.27 13.18
CA PRO B 33 -21.08 -19.81 13.11
C PRO B 33 -20.24 -19.40 11.91
N VAL B 34 -20.67 -18.34 11.27
CA VAL B 34 -20.13 -17.92 9.98
C VAL B 34 -20.06 -16.41 9.96
N LEU B 35 -19.05 -15.89 9.25
CA LEU B 35 -18.88 -14.46 9.04
C LEU B 35 -18.66 -14.23 7.57
N LEU B 36 -19.48 -13.36 6.98
CA LEU B 36 -19.42 -12.99 5.59
C LEU B 36 -18.72 -11.64 5.50
N THR B 37 -17.72 -11.52 4.63
CA THR B 37 -17.00 -10.25 4.47
C THR B 37 -16.54 -10.09 3.00
N ARG B 38 -15.89 -8.98 2.67
CA ARG B 38 -15.54 -8.73 1.29
C ARG B 38 -14.41 -7.72 1.14
N GLU B 39 -13.78 -7.76 -0.03
CA GLU B 39 -12.79 -6.78 -0.42
C GLU B 39 -13.21 -6.23 -1.78
N PRO B 40 -12.95 -4.97 -2.06
CA PRO B 40 -12.37 -4.01 -1.15
C PRO B 40 -13.43 -3.43 -0.16
N GLY B 41 -12.96 -2.86 0.94
CA GLY B 41 -13.79 -2.14 1.89
C GLY B 41 -13.97 -2.84 3.21
N GLY B 42 -13.65 -4.14 3.29
CA GLY B 42 -13.74 -4.88 4.55
C GLY B 42 -12.74 -4.42 5.62
N GLY B 43 -11.61 -3.81 5.19
CA GLY B 43 -10.66 -3.18 6.13
C GLY B 43 -10.84 -1.69 6.27
N LEU B 44 -10.68 -0.99 5.14
CA LEU B 44 -10.83 0.46 5.04
C LEU B 44 -11.91 0.79 4.05
N PRO B 45 -13.15 1.00 4.54
CA PRO B 45 -14.26 1.40 3.65
C PRO B 45 -13.94 2.61 2.74
N GLU B 46 -13.08 3.51 3.21
CA GLU B 46 -12.71 4.71 2.45
C GLU B 46 -11.87 4.38 1.21
N VAL B 47 -11.09 3.30 1.26
CA VAL B 47 -10.35 2.86 0.06
C VAL B 47 -11.33 2.48 -1.04
N ARG B 48 -12.40 1.78 -0.67
CA ARG B 48 -13.39 1.35 -1.67
C ARG B 48 -13.98 2.55 -2.39
N SER B 49 -14.47 3.50 -1.59
CA SER B 49 -15.14 4.69 -2.11
C SER B 49 -14.17 5.52 -2.95
N LEU B 50 -12.94 5.66 -2.49
CA LEU B 50 -11.93 6.41 -3.22
C LEU B 50 -11.65 5.79 -4.59
N LEU B 51 -11.39 4.49 -4.63
CA LEU B 51 -11.13 3.79 -5.90
C LEU B 51 -12.34 3.74 -6.84
N LEU B 52 -13.53 3.85 -6.29
CA LEU B 52 -14.74 3.92 -7.11
C LEU B 52 -14.67 5.09 -8.09
N THR B 53 -14.16 6.23 -7.63
CA THR B 53 -14.20 7.48 -8.38
C THR B 53 -12.90 7.95 -9.00
N GLN B 54 -11.77 7.31 -8.69
CA GLN B 54 -10.48 7.67 -9.27
C GLN B 54 -9.77 6.46 -9.82
N GLU B 55 -8.97 6.66 -10.86
CA GLU B 55 -8.10 5.60 -11.37
C GLU B 55 -6.67 6.09 -11.16
N LEU B 56 -5.83 5.22 -10.58
CA LEU B 56 -4.44 5.58 -10.27
C LEU B 56 -3.47 4.73 -11.10
N SER B 57 -2.18 4.92 -10.91
CA SER B 57 -1.23 3.91 -11.38
C SER B 57 -1.63 2.54 -10.79
N PRO B 58 -1.38 1.43 -11.51
CA PRO B 58 -1.65 0.09 -10.92
C PRO B 58 -0.91 -0.16 -9.64
N GLU B 59 0.29 0.40 -9.53
CA GLU B 59 1.13 0.23 -8.34
C GLU B 59 0.44 0.91 -7.12
N ALA B 60 0.00 2.16 -7.30
CA ALA B 60 -0.73 2.86 -6.27
C ALA B 60 -2.04 2.14 -5.92
N GLU B 61 -2.77 1.64 -6.92
CA GLU B 61 -4.02 0.91 -6.68
C GLU B 61 -3.76 -0.33 -5.88
N TYR B 62 -2.76 -1.11 -6.28
CA TYR B 62 -2.42 -2.32 -5.53
C TYR B 62 -2.11 -2.00 -4.08
N LEU B 63 -1.41 -0.91 -3.85
CA LEU B 63 -0.97 -0.60 -2.50
C LEU B 63 -2.17 -0.20 -1.65
N LEU B 64 -3.16 0.47 -2.25
CA LEU B 64 -4.38 0.79 -1.53
C LEU B 64 -5.17 -0.47 -1.25
N PHE B 65 -5.29 -1.34 -2.24
CA PHE B 65 -5.95 -2.62 -2.00
C PHE B 65 -5.25 -3.40 -0.88
N SER B 66 -3.93 -3.31 -0.80
CA SER B 66 -3.17 -4.00 0.23
C SER B 66 -3.32 -3.40 1.60
N ALA B 67 -3.43 -2.07 1.68
CA ALA B 67 -3.66 -1.40 2.96
C ALA B 67 -5.01 -1.81 3.50
N ASP B 68 -6.01 -1.80 2.65
CA ASP B 68 -7.35 -2.31 3.01
C ASP B 68 -7.29 -3.76 3.49
N ARG B 69 -6.58 -4.58 2.71
CA ARG B 69 -6.39 -5.98 3.03
C ARG B 69 -5.69 -6.17 4.37
N ALA B 70 -4.69 -5.38 4.65
CA ALA B 70 -3.97 -5.44 5.95
C ALA B 70 -4.90 -5.20 7.14
N GLU B 71 -5.78 -4.18 7.04
CA GLU B 71 -6.80 -3.91 8.10
C GLU B 71 -7.83 -5.00 8.16
N HIS B 72 -8.22 -5.48 7.00
CA HIS B 72 -9.23 -6.55 6.88
C HIS B 72 -8.84 -7.84 7.56
N VAL B 73 -7.61 -8.30 7.30
CA VAL B 73 -7.07 -9.47 7.95
C VAL B 73 -6.99 -9.32 9.50
N ARG B 74 -6.46 -8.19 9.94
CA ARG B 74 -6.19 -7.97 11.38
C ARG B 74 -7.47 -7.70 12.18
N LYS B 75 -8.36 -6.85 11.67
CA LYS B 75 -9.54 -6.41 12.44
C LYS B 75 -10.79 -7.25 12.24
N VAL B 76 -10.87 -7.98 11.13
CA VAL B 76 -12.08 -8.72 10.81
C VAL B 76 -11.83 -10.22 10.67
N ILE B 77 -10.92 -10.60 9.77
CA ILE B 77 -10.74 -12.02 9.49
C ILE B 77 -10.11 -12.85 10.61
N LEU B 78 -8.93 -12.45 11.08
CA LEU B 78 -8.28 -13.21 12.13
C LEU B 78 -9.09 -13.27 13.42
N PRO B 79 -9.72 -12.14 13.86
CA PRO B 79 -10.61 -12.24 15.04
C PRO B 79 -11.80 -13.20 14.85
N GLY B 80 -12.39 -13.18 13.65
CA GLY B 80 -13.41 -14.16 13.25
C GLY B 80 -12.95 -15.60 13.31
N LEU B 81 -11.75 -15.89 12.81
CA LEU B 81 -11.21 -17.23 12.85
C LEU B 81 -10.91 -17.67 14.29
N ALA B 82 -10.34 -16.77 15.08
CA ALA B 82 -10.01 -17.03 16.48
C ALA B 82 -11.22 -17.40 17.34
N ALA B 83 -12.37 -16.83 17.00
CA ALA B 83 -13.60 -17.16 17.68
C ALA B 83 -14.23 -18.45 17.15
N GLY B 84 -13.58 -19.14 16.22
CA GLY B 84 -14.06 -20.42 15.68
C GLY B 84 -15.03 -20.31 14.52
N LYS B 85 -15.16 -19.11 13.95
CA LYS B 85 -16.08 -18.92 12.82
C LYS B 85 -15.54 -19.48 11.50
N VAL B 86 -16.47 -19.80 10.61
CA VAL B 86 -16.14 -20.00 9.21
C VAL B 86 -16.21 -18.61 8.62
N VAL B 87 -15.06 -18.09 8.15
CA VAL B 87 -15.02 -16.77 7.61
C VAL B 87 -14.94 -16.89 6.10
N ILE B 88 -15.84 -16.20 5.41
CA ILE B 88 -15.96 -16.25 3.96
C ILE B 88 -15.70 -14.87 3.42
N SER B 89 -14.62 -14.70 2.64
CA SER B 89 -14.39 -13.41 2.01
C SER B 89 -14.66 -13.49 0.50
N ASP B 90 -15.54 -12.58 0.08
CA ASP B 90 -15.91 -12.35 -1.30
C ASP B 90 -14.79 -11.46 -1.79
N ARG B 91 -13.80 -12.10 -2.44
CA ARG B 91 -12.49 -11.55 -2.88
C ARG B 91 -11.43 -11.48 -1.79
N TYR B 92 -10.22 -11.82 -2.16
CA TYR B 92 -9.06 -11.77 -1.28
C TYR B 92 -7.81 -11.47 -2.13
N LEU B 93 -6.62 -11.94 -1.72
CA LEU B 93 -5.37 -11.63 -2.43
C LEU B 93 -5.42 -12.00 -3.90
N ASP B 94 -6.07 -13.12 -4.24
CA ASP B 94 -6.10 -13.57 -5.62
C ASP B 94 -6.72 -12.51 -6.52
N SER B 95 -7.63 -11.70 -6.00
CA SER B 95 -8.16 -10.58 -6.79
C SER B 95 -7.06 -9.60 -7.23
N SER B 96 -6.18 -9.21 -6.30
CA SER B 96 -5.02 -8.38 -6.69
C SER B 96 -4.14 -9.07 -7.72
N LEU B 97 -3.89 -10.37 -7.54
CA LEU B 97 -3.02 -11.10 -8.46
C LEU B 97 -3.62 -11.11 -9.87
N ALA B 98 -4.92 -11.37 -9.97
CA ALA B 98 -5.62 -11.43 -11.25
C ALA B 98 -5.76 -10.04 -11.90
N TYR B 99 -6.19 -9.03 -11.15
CA TYR B 99 -6.47 -7.69 -11.75
C TYR B 99 -5.18 -6.84 -11.90
N GLN B 100 -4.42 -6.64 -10.82
CA GLN B 100 -3.22 -5.79 -10.88
C GLN B 100 -2.04 -6.52 -11.52
N GLY B 101 -1.96 -7.84 -11.32
CA GLY B 101 -0.87 -8.65 -11.90
C GLY B 101 -1.12 -9.05 -13.34
N TYR B 102 -1.95 -10.06 -13.53
CA TYR B 102 -2.28 -10.50 -14.87
C TYR B 102 -2.98 -9.41 -15.70
N GLY B 103 -3.90 -8.67 -15.11
CA GLY B 103 -4.60 -7.58 -15.84
C GLY B 103 -3.71 -6.40 -16.19
N ARG B 104 -3.13 -5.77 -15.18
CA ARG B 104 -2.36 -4.56 -15.37
C ARG B 104 -0.87 -4.78 -15.60
N GLY B 105 -0.36 -6.00 -15.42
CA GLY B 105 1.03 -6.26 -15.73
C GLY B 105 2.00 -6.12 -14.58
N LEU B 106 1.54 -5.94 -13.34
CA LEU B 106 2.47 -5.82 -12.21
C LEU B 106 3.13 -7.17 -11.96
N PRO B 107 4.43 -7.16 -11.57
CA PRO B 107 5.11 -8.44 -11.35
C PRO B 107 4.60 -9.17 -10.13
N LEU B 108 4.23 -10.42 -10.33
CA LEU B 108 3.61 -11.24 -9.29
C LEU B 108 4.48 -11.49 -8.07
N PRO B 109 5.80 -11.73 -8.26
CA PRO B 109 6.61 -11.96 -7.06
C PRO B 109 6.69 -10.73 -6.18
N TRP B 110 6.70 -9.54 -6.75
CA TRP B 110 6.58 -8.31 -5.97
C TRP B 110 5.23 -8.23 -5.24
N LEU B 111 4.14 -8.42 -5.98
CA LEU B 111 2.80 -8.46 -5.37
C LEU B 111 2.74 -9.38 -4.14
N ARG B 112 3.28 -10.57 -4.28
CA ARG B 112 3.30 -11.55 -3.16
C ARG B 112 4.20 -11.18 -1.98
N GLU B 113 5.34 -10.54 -2.26
CA GLU B 113 6.19 -10.00 -1.19
C GLU B 113 5.55 -8.86 -0.42
N VAL B 114 4.83 -8.00 -1.12
CA VAL B 114 4.04 -6.96 -0.46
C VAL B 114 2.99 -7.63 0.42
N ALA B 115 2.29 -8.61 -0.17
CA ALA B 115 1.19 -9.30 0.52
C ALA B 115 1.61 -10.05 1.77
N ARG B 116 2.84 -10.55 1.78
CA ARG B 116 3.32 -11.41 2.83
C ARG B 116 3.10 -10.81 4.25
N GLU B 117 3.39 -9.52 4.46
CA GLU B 117 3.17 -8.85 5.74
C GLU B 117 1.74 -8.33 5.96
N ALA B 118 1.21 -7.87 4.82
CA ALA B 118 -0.17 -7.42 4.75
C ALA B 118 -1.14 -8.50 5.21
N THR B 119 -0.97 -9.73 4.71
CA THR B 119 -1.83 -10.83 5.09
C THR B 119 -1.42 -11.58 6.36
N ARG B 120 -0.30 -11.22 7.00
CA ARG B 120 0.42 -12.14 7.92
C ARG B 120 0.62 -13.56 7.36
N GLY B 121 0.67 -13.72 6.03
CA GLY B 121 0.69 -15.04 5.41
C GLY B 121 -0.60 -15.89 5.52
N LEU B 122 -1.72 -15.29 5.88
CA LEU B 122 -2.98 -16.00 5.95
C LEU B 122 -3.45 -16.41 4.55
N LYS B 123 -3.62 -17.70 4.33
CA LYS B 123 -4.20 -18.22 3.08
C LYS B 123 -5.54 -18.93 3.31
N PRO B 124 -6.48 -18.80 2.39
CA PRO B 124 -7.70 -19.59 2.56
C PRO B 124 -7.46 -21.07 2.35
N ARG B 125 -8.21 -21.90 3.06
CA ARG B 125 -8.13 -23.35 2.93
C ARG B 125 -8.67 -23.79 1.59
N LEU B 126 -9.71 -23.11 1.11
CA LEU B 126 -10.25 -23.32 -0.23
C LEU B 126 -10.69 -22.02 -0.84
N THR B 127 -10.57 -21.95 -2.15
CA THR B 127 -10.96 -20.76 -2.91
C THR B 127 -11.88 -21.23 -4.04
N PHE B 128 -13.11 -20.74 -4.07
CA PHE B 128 -14.02 -21.05 -5.14
C PHE B 128 -13.93 -20.01 -6.23
N LEU B 129 -13.40 -20.40 -7.40
CA LEU B 129 -13.30 -19.55 -8.55
C LEU B 129 -14.55 -19.73 -9.39
N LEU B 130 -15.31 -18.66 -9.57
CA LEU B 130 -16.50 -18.69 -10.46
C LEU B 130 -16.07 -18.22 -11.85
N ASP B 131 -15.78 -19.18 -12.73
CA ASP B 131 -15.18 -18.91 -14.01
C ASP B 131 -16.22 -18.77 -15.11
N LEU B 132 -16.12 -17.67 -15.86
CA LEU B 132 -16.91 -17.43 -17.10
C LEU B 132 -16.22 -16.40 -17.99
N PRO B 133 -16.56 -16.36 -19.31
CA PRO B 133 -16.04 -15.27 -20.16
C PRO B 133 -16.62 -13.90 -19.78
N PRO B 134 -15.86 -12.83 -20.01
CA PRO B 134 -16.33 -11.49 -19.64
C PRO B 134 -17.73 -11.16 -20.19
N GLU B 135 -18.01 -11.55 -21.42
CA GLU B 135 -19.31 -11.25 -22.05
C GLU B 135 -20.47 -12.06 -21.48
N ALA B 136 -20.19 -13.07 -20.67
CA ALA B 136 -21.21 -13.79 -19.91
C ALA B 136 -21.44 -13.23 -18.48
N ALA B 137 -20.73 -12.19 -18.07
CA ALA B 137 -20.91 -11.62 -16.73
C ALA B 137 -22.19 -10.79 -16.65
N LEU B 138 -22.89 -10.80 -15.51
CA LEU B 138 -23.83 -9.69 -15.16
C LEU B 138 -23.19 -8.78 -14.13
N LEU B 150 -9.21 -0.46 -18.94
CA LEU B 150 -10.04 -1.62 -19.26
C LEU B 150 -10.39 -1.70 -20.78
N GLY B 151 -11.58 -2.21 -21.13
CA GLY B 151 -11.86 -2.78 -22.49
C GLY B 151 -12.07 -4.26 -22.28
N LEU B 152 -12.60 -4.98 -23.27
CA LEU B 152 -12.72 -6.46 -23.12
C LEU B 152 -11.38 -7.19 -22.96
N GLU B 153 -10.32 -6.69 -23.63
CA GLU B 153 -8.99 -7.34 -23.57
C GLU B 153 -8.49 -7.48 -22.13
N PHE B 154 -8.64 -6.40 -21.36
CA PHE B 154 -8.34 -6.42 -19.91
C PHE B 154 -9.03 -7.57 -19.16
N PHE B 155 -10.35 -7.67 -19.34
CA PHE B 155 -11.12 -8.67 -18.60
C PHE B 155 -10.75 -10.09 -19.00
N ARG B 156 -10.40 -10.28 -20.26
CA ARG B 156 -9.88 -11.56 -20.75
C ARG B 156 -8.57 -11.90 -20.03
N ARG B 157 -7.67 -10.91 -19.90
CA ARG B 157 -6.41 -11.11 -19.17
C ARG B 157 -6.66 -11.48 -17.72
N VAL B 158 -7.64 -10.82 -17.10
CA VAL B 158 -8.01 -11.16 -15.70
C VAL B 158 -8.56 -12.58 -15.58
N ARG B 159 -9.46 -12.94 -16.48
CA ARG B 159 -10.16 -14.21 -16.43
C ARG B 159 -9.16 -15.35 -16.59
N GLU B 160 -8.31 -15.23 -17.61
CA GLU B 160 -7.21 -16.19 -17.87
C GLU B 160 -6.16 -16.22 -16.72
N GLY B 161 -5.91 -15.07 -16.09
CA GLY B 161 -5.02 -14.96 -14.91
C GLY B 161 -5.56 -15.80 -13.77
N TYR B 162 -6.86 -15.68 -13.51
CA TYR B 162 -7.50 -16.51 -12.48
C TYR B 162 -7.32 -18.00 -12.77
N LEU B 163 -7.58 -18.41 -13.99
CA LEU B 163 -7.40 -19.82 -14.38
C LEU B 163 -5.92 -20.28 -14.27
N ALA B 164 -4.99 -19.36 -14.53
CA ALA B 164 -3.55 -19.59 -14.32
C ALA B 164 -3.24 -19.84 -12.86
N LEU B 165 -3.78 -18.98 -12.00
CA LEU B 165 -3.58 -19.15 -10.57
C LEU B 165 -4.13 -20.50 -10.09
N ALA B 166 -5.34 -20.81 -10.56
CA ALA B 166 -6.04 -22.02 -10.14
C ALA B 166 -5.27 -23.28 -10.50
N ARG B 167 -4.74 -23.29 -11.71
CA ARG B 167 -3.91 -24.36 -12.27
C ARG B 167 -2.61 -24.59 -11.45
N ALA B 168 -2.05 -23.52 -10.92
CA ALA B 168 -0.82 -23.61 -10.09
C ALA B 168 -1.08 -24.06 -8.64
N GLU B 169 -2.32 -23.95 -8.17
CA GLU B 169 -2.66 -24.33 -6.81
C GLU B 169 -3.93 -25.15 -6.81
N PRO B 170 -3.90 -26.36 -7.43
CA PRO B 170 -5.13 -27.14 -7.56
C PRO B 170 -5.64 -27.68 -6.23
N GLY B 171 -4.81 -27.72 -5.19
CA GLY B 171 -5.26 -28.08 -3.84
C GLY B 171 -6.18 -27.05 -3.21
N ARG B 172 -5.96 -25.78 -3.53
CA ARG B 172 -6.69 -24.71 -2.90
C ARG B 172 -7.88 -24.22 -3.75
N PHE B 173 -7.70 -24.15 -5.07
CA PHE B 173 -8.76 -23.70 -5.97
C PHE B 173 -9.73 -24.77 -6.36
N VAL B 174 -11.02 -24.41 -6.32
CA VAL B 174 -12.08 -25.17 -6.96
C VAL B 174 -12.69 -24.28 -8.04
N VAL B 175 -12.56 -24.68 -9.30
CA VAL B 175 -13.06 -23.94 -10.44
C VAL B 175 -14.48 -24.42 -10.81
N LEU B 176 -15.41 -23.47 -10.87
CA LEU B 176 -16.78 -23.77 -11.17
C LEU B 176 -17.23 -23.02 -12.42
N ASP B 177 -17.99 -23.72 -13.25
CA ASP B 177 -18.64 -23.06 -14.38
C ASP B 177 -19.75 -22.15 -13.83
N ALA B 178 -19.44 -20.87 -13.79
CA ALA B 178 -20.28 -19.82 -13.28
C ALA B 178 -21.52 -19.54 -14.14
N THR B 179 -21.58 -20.09 -15.37
CA THR B 179 -22.78 -19.99 -16.21
C THR B 179 -23.86 -21.02 -15.84
N LEU B 180 -23.53 -21.98 -15.00
CA LEU B 180 -24.52 -22.96 -14.55
C LEU B 180 -25.57 -22.29 -13.66
N PRO B 181 -26.72 -22.96 -13.48
CA PRO B 181 -27.72 -22.36 -12.63
C PRO B 181 -27.24 -22.28 -11.19
N GLU B 182 -27.75 -21.26 -10.52
CA GLU B 182 -27.36 -20.87 -9.17
C GLU B 182 -27.35 -22.00 -8.14
N GLU B 183 -28.43 -22.81 -8.12
CA GLU B 183 -28.57 -23.89 -7.12
C GLU B 183 -27.58 -25.03 -7.35
N GLU B 184 -27.22 -25.23 -8.61
CA GLU B 184 -26.33 -26.31 -8.99
C GLU B 184 -24.90 -25.99 -8.56
N ILE B 185 -24.52 -24.73 -8.73
CA ILE B 185 -23.18 -24.24 -8.33
C ILE B 185 -23.07 -24.37 -6.81
N ALA B 186 -24.10 -23.90 -6.11
CA ALA B 186 -24.18 -23.97 -4.66
C ALA B 186 -23.97 -25.39 -4.11
N ARG B 187 -24.65 -26.36 -4.71
CA ARG B 187 -24.49 -27.77 -4.31
C ARG B 187 -23.07 -28.29 -4.61
N ALA B 188 -22.45 -27.82 -5.69
CA ALA B 188 -21.06 -28.21 -5.99
C ALA B 188 -20.08 -27.68 -4.94
N ILE B 189 -20.25 -26.43 -4.52
CA ILE B 189 -19.43 -25.83 -3.46
C ILE B 189 -19.62 -26.61 -2.16
N GLN B 190 -20.89 -26.90 -1.84
CA GLN B 190 -21.21 -27.71 -0.67
C GLN B 190 -20.53 -29.07 -0.66
N ALA B 191 -20.54 -29.77 -1.78
CA ALA B 191 -19.85 -31.07 -1.86
C ALA B 191 -18.35 -30.98 -1.58
N HIS B 192 -17.68 -29.94 -2.10
CA HIS B 192 -16.26 -29.73 -1.83
C HIS B 192 -15.99 -29.40 -0.38
N LEU B 193 -16.95 -28.71 0.25
CA LEU B 193 -16.73 -28.22 1.59
C LEU B 193 -16.92 -29.28 2.67
N ARG B 194 -17.74 -30.30 2.37
CA ARG B 194 -18.20 -31.27 3.38
C ARG B 194 -17.09 -32.02 4.12
N PRO B 195 -16.07 -32.53 3.41
CA PRO B 195 -14.93 -33.15 4.09
C PRO B 195 -14.24 -32.30 5.16
N LEU B 196 -14.43 -30.98 5.14
CA LEU B 196 -13.80 -30.10 6.14
C LEU B 196 -14.79 -29.69 7.26
N LEU B 197 -15.85 -30.47 7.45
CA LEU B 197 -16.86 -30.25 8.50
C LEU B 197 -17.32 -31.62 9.04
N PRO B 198 -17.94 -31.70 10.23
CA PRO B 198 -17.95 -30.61 11.24
C PRO B 198 -16.76 -30.71 12.19
#